data_2IB0
#
_entry.id   2IB0
#
_cell.length_a   98.029
_cell.length_b   98.029
_cell.length_c   91.337
_cell.angle_alpha   90.000
_cell.angle_beta   90.000
_cell.angle_gamma   90.000
#
_symmetry.space_group_name_H-M   'P 41 21 2'
#
loop_
_entity.id
_entity.type
_entity.pdbx_description
1 polymer 'CONSERVED HYPOTHETICAL ALANINE RICH PROTEIN'
2 water water
#
_entity_poly.entity_id   1
_entity_poly.type   'polypeptide(L)'
_entity_poly.pdbx_seq_one_letter_code
;MTSSEPAHGATPKRSPSEGSADNAALCDALAVEHATIYGYGIVSALSPPGVNFLVADALKQHRHRRDDVIVMLSARGVTA
PIAAAGYQLPMQVSSAADAARLAVRMENDGATAWRAVVEHAETADDRVFASTALTESAVMATRWNRVLGAWPITAAFPGG
DERSHHHHHH
;
_entity_poly.pdbx_strand_id   A,B
#
# COMPACT_ATOMS: atom_id res chain seq x y z
N SER A 17 -7.04 27.06 4.24
CA SER A 17 -7.90 26.39 5.28
C SER A 17 -7.74 24.86 5.26
N GLU A 18 -8.00 24.22 6.39
CA GLU A 18 -7.74 22.78 6.55
C GLU A 18 -8.72 21.87 5.81
N GLY A 19 -9.99 22.27 5.87
CA GLY A 19 -11.09 21.50 5.32
C GLY A 19 -11.11 21.77 3.85
N SER A 20 -10.69 22.98 3.50
CA SER A 20 -10.35 23.39 2.14
C SER A 20 -9.33 22.45 1.47
N ALA A 21 -8.21 22.16 2.14
CA ALA A 21 -7.18 21.24 1.60
C ALA A 21 -7.69 19.78 1.54
N ASP A 22 -8.46 19.38 2.56
CA ASP A 22 -9.12 18.06 2.63
C ASP A 22 -10.03 17.84 1.41
N ASN A 23 -10.98 18.75 1.17
CA ASN A 23 -11.85 18.70 -0.01
C ASN A 23 -11.10 18.69 -1.33
N ALA A 24 -10.08 19.55 -1.41
CA ALA A 24 -9.29 19.63 -2.60
C ALA A 24 -8.58 18.34 -2.85
N ALA A 25 -8.02 17.71 -1.80
CA ALA A 25 -7.34 16.45 -2.01
C ALA A 25 -8.31 15.37 -2.47
N LEU A 26 -9.51 15.32 -1.91
CA LEU A 26 -10.38 14.20 -2.21
C LEU A 26 -11.04 14.35 -3.59
N CYS A 27 -11.31 15.61 -3.98
CA CYS A 27 -11.73 15.93 -5.34
C CYS A 27 -10.67 15.53 -6.35
N ASP A 28 -9.39 15.86 -6.09
CA ASP A 28 -8.30 15.41 -6.99
C ASP A 28 -8.27 13.89 -7.12
N ALA A 29 -8.57 13.19 -6.04
CA ALA A 29 -8.36 11.74 -6.02
C ALA A 29 -9.50 11.14 -6.79
N LEU A 30 -10.68 11.73 -6.66
CA LEU A 30 -11.85 11.31 -7.43
C LEU A 30 -11.65 11.48 -8.95
N ALA A 31 -11.05 12.61 -9.32
CA ALA A 31 -10.69 12.94 -10.70
C ALA A 31 -9.67 11.95 -11.23
N VAL A 32 -8.74 11.53 -10.39
CA VAL A 32 -7.78 10.50 -10.80
C VAL A 32 -8.50 9.14 -11.03
N GLU A 33 -9.40 8.77 -10.11
CA GLU A 33 -10.26 7.57 -10.26
C GLU A 33 -11.07 7.54 -11.57
N HIS A 34 -11.79 8.61 -11.91
CA HIS A 34 -12.49 8.66 -13.20
C HIS A 34 -11.53 8.36 -14.38
N ALA A 35 -10.36 9.02 -14.35
CA ALA A 35 -9.34 8.91 -15.39
C ALA A 35 -8.74 7.51 -15.45
N THR A 36 -8.67 6.83 -14.31
CA THR A 36 -8.17 5.45 -14.24
C THR A 36 -9.15 4.44 -14.78
N ILE A 37 -10.42 4.59 -14.43
CA ILE A 37 -11.49 3.73 -14.92
C ILE A 37 -11.57 3.85 -16.46
N TYR A 38 -11.48 5.08 -16.97
CA TYR A 38 -11.41 5.28 -18.42
C TYR A 38 -10.18 4.57 -19.01
N GLY A 39 -9.04 4.65 -18.33
CA GLY A 39 -7.82 4.09 -18.89
C GLY A 39 -7.86 2.58 -18.92
N TYR A 40 -8.52 1.97 -17.95
CA TYR A 40 -8.59 0.52 -17.93
C TYR A 40 -9.47 -0.05 -19.05
N GLY A 41 -10.39 0.76 -19.58
CA GLY A 41 -11.07 0.39 -20.81
C GLY A 41 -10.05 0.13 -21.91
N ILE A 42 -9.03 0.98 -22.00
CA ILE A 42 -7.99 0.83 -23.01
C ILE A 42 -7.06 -0.36 -22.66
N VAL A 43 -6.68 -0.47 -21.40
CA VAL A 43 -5.91 -1.63 -20.94
C VAL A 43 -6.63 -2.90 -21.38
N SER A 44 -7.94 -2.97 -21.14
CA SER A 44 -8.70 -4.16 -21.51
C SER A 44 -8.75 -4.46 -23.04
N ALA A 45 -9.07 -3.44 -23.84
CA ALA A 45 -9.18 -3.56 -25.29
C ALA A 45 -7.89 -4.02 -25.93
N LEU A 46 -6.76 -3.58 -25.39
CA LEU A 46 -5.44 -3.96 -25.90
C LEU A 46 -4.96 -5.34 -25.42
N SER A 47 -5.03 -5.54 -24.08
CA SER A 47 -4.42 -6.67 -23.24
C SER A 47 -4.41 -8.03 -23.90
N PRO A 48 -3.53 -8.98 -23.48
CA PRO A 48 -3.88 -10.38 -23.16
C PRO A 48 -5.15 -10.79 -22.50
N PRO A 49 -5.94 -11.71 -23.15
CA PRO A 49 -6.94 -12.54 -22.43
C PRO A 49 -6.39 -13.10 -21.08
N GLY A 50 -5.07 -13.42 -21.04
CA GLY A 50 -4.32 -13.87 -19.84
C GLY A 50 -4.38 -12.97 -18.59
N VAL A 51 -4.77 -11.71 -18.75
CA VAL A 51 -4.85 -10.81 -17.61
C VAL A 51 -6.27 -10.23 -17.46
N ASN A 52 -7.27 -10.87 -18.07
CA ASN A 52 -8.58 -10.28 -17.82
C ASN A 52 -9.26 -10.46 -16.50
N PHE A 53 -8.81 -11.44 -15.73
CA PHE A 53 -9.10 -11.53 -14.29
C PHE A 53 -8.60 -10.28 -13.57
N LEU A 54 -7.38 -9.84 -13.92
CA LEU A 54 -6.74 -8.66 -13.33
C LEU A 54 -7.47 -7.36 -13.71
N VAL A 55 -7.77 -7.22 -14.99
CA VAL A 55 -8.48 -6.06 -15.47
C VAL A 55 -9.84 -5.97 -14.79
N ALA A 56 -10.62 -7.05 -14.80
CA ALA A 56 -11.94 -7.03 -14.15
C ALA A 56 -11.84 -6.62 -12.68
N ASP A 57 -10.90 -7.25 -11.95
CA ASP A 57 -10.60 -6.93 -10.55
C ASP A 57 -10.30 -5.45 -10.37
N ALA A 58 -9.35 -4.92 -11.15
CA ALA A 58 -8.96 -3.52 -11.03
C ALA A 58 -10.17 -2.58 -11.29
N LEU A 59 -10.96 -2.87 -12.32
CA LEU A 59 -12.11 -2.04 -12.67
C LEU A 59 -13.21 -2.03 -11.61
N LYS A 60 -13.49 -3.17 -11.01
CA LYS A 60 -14.50 -3.24 -9.94
C LYS A 60 -14.02 -2.49 -8.70
N GLN A 61 -12.77 -2.68 -8.34
CA GLN A 61 -12.12 -1.94 -7.25
C GLN A 61 -12.17 -0.39 -7.44
N HIS A 62 -11.82 0.06 -8.64
CA HIS A 62 -11.91 1.49 -8.92
C HIS A 62 -13.34 2.03 -9.00
N ARG A 63 -14.25 1.31 -9.64
CA ARG A 63 -15.64 1.77 -9.77
C ARG A 63 -16.27 1.91 -8.39
N HIS A 64 -15.99 0.93 -7.52
CA HIS A 64 -16.51 0.92 -6.17
C HIS A 64 -15.92 2.07 -5.35
N ARG A 65 -14.59 2.25 -5.41
CA ARG A 65 -13.93 3.36 -4.74
C ARG A 65 -14.51 4.72 -5.19
N ARG A 66 -14.63 4.90 -6.50
CA ARG A 66 -15.23 6.12 -7.11
C ARG A 66 -16.62 6.44 -6.54
N ASP A 67 -17.52 5.44 -6.56
CA ASP A 67 -18.86 5.60 -5.98
C ASP A 67 -18.79 5.94 -4.50
N ASP A 68 -17.92 5.26 -3.76
CA ASP A 68 -17.67 5.59 -2.34
C ASP A 68 -17.27 7.06 -2.07
N VAL A 69 -16.36 7.59 -2.88
CA VAL A 69 -15.90 8.98 -2.81
C VAL A 69 -17.00 9.97 -3.20
N ILE A 70 -17.83 9.62 -4.19
CA ILE A 70 -19.02 10.43 -4.52
C ILE A 70 -19.92 10.62 -3.29
N VAL A 71 -20.16 9.54 -2.55
CA VAL A 71 -20.94 9.60 -1.32
C VAL A 71 -20.24 10.50 -0.28
N MET A 72 -18.94 10.30 -0.07
CA MET A 72 -18.15 11.08 0.92
C MET A 72 -18.23 12.58 0.65
N LEU A 73 -18.02 12.98 -0.59
CA LEU A 73 -18.07 14.40 -0.96
C LEU A 73 -19.47 14.98 -0.68
N SER A 74 -20.53 14.20 -0.93
CA SER A 74 -21.90 14.60 -0.56
C SER A 74 -22.11 14.81 0.94
N ALA A 75 -21.58 13.89 1.75
CA ALA A 75 -21.61 14.04 3.20
C ALA A 75 -20.93 15.35 3.67
N ARG A 76 -19.99 15.84 2.88
CA ARG A 76 -19.27 17.08 3.15
C ARG A 76 -19.94 18.36 2.62
N GLY A 77 -21.01 18.21 1.84
CA GLY A 77 -21.65 19.36 1.17
C GLY A 77 -20.94 19.76 -0.11
N VAL A 78 -20.23 18.81 -0.70
CA VAL A 78 -19.53 19.07 -1.95
C VAL A 78 -20.16 18.24 -3.06
N THR A 79 -20.52 18.89 -4.16
CA THR A 79 -21.00 18.14 -5.33
C THR A 79 -19.76 17.62 -6.06
N ALA A 80 -19.70 16.30 -6.22
CA ALA A 80 -18.55 15.62 -6.83
C ALA A 80 -18.20 16.13 -8.25
N PRO A 81 -16.88 16.28 -8.55
CA PRO A 81 -16.46 16.30 -9.96
C PRO A 81 -17.02 15.07 -10.69
N ILE A 82 -17.66 15.30 -11.83
CA ILE A 82 -18.12 14.21 -12.70
C ILE A 82 -17.03 13.87 -13.74
N ALA A 83 -17.11 12.71 -14.38
CA ALA A 83 -16.09 12.34 -15.35
C ALA A 83 -16.12 13.24 -16.60
N ALA A 84 -14.94 13.47 -17.20
CA ALA A 84 -14.84 14.09 -18.52
C ALA A 84 -15.18 13.00 -19.55
N ALA A 85 -15.67 13.42 -20.72
CA ALA A 85 -16.02 12.53 -21.86
C ALA A 85 -14.84 11.64 -22.34
N GLY A 86 -13.73 12.31 -22.65
CA GLY A 86 -12.43 11.66 -22.81
C GLY A 86 -11.35 12.25 -21.90
N TYR A 87 -10.22 11.56 -21.82
CA TYR A 87 -9.03 12.02 -21.10
C TYR A 87 -7.90 11.93 -22.08
N GLN A 88 -6.84 12.66 -21.78
CA GLN A 88 -5.57 12.42 -22.40
C GLN A 88 -4.95 11.35 -21.46
N LEU A 89 -4.71 10.14 -21.96
CA LEU A 89 -3.99 9.11 -21.21
C LEU A 89 -2.59 9.60 -20.79
N PRO A 90 -2.09 9.10 -19.64
CA PRO A 90 -0.74 9.46 -19.16
C PRO A 90 0.42 9.05 -20.10
N MET A 91 0.15 8.12 -21.03
CA MET A 91 1.14 7.70 -22.01
C MET A 91 0.45 7.23 -23.28
N GLN A 92 1.21 7.24 -24.37
CA GLN A 92 0.82 6.61 -25.62
C GLN A 92 0.91 5.10 -25.56
N VAL A 93 -0.03 4.47 -26.24
CA VAL A 93 -0.11 3.01 -26.29
C VAL A 93 -0.35 2.57 -27.73
N SER A 94 0.15 1.38 -28.08
CA SER A 94 -0.13 0.82 -29.38
C SER A 94 -0.17 -0.70 -29.39
N SER A 95 0.11 -1.33 -28.26
CA SER A 95 0.00 -2.77 -28.25
C SER A 95 -0.25 -3.29 -26.86
N ALA A 96 -0.55 -4.60 -26.81
CA ALA A 96 -0.68 -5.35 -25.55
C ALA A 96 0.33 -5.08 -24.44
N ALA A 97 1.62 -4.86 -24.75
CA ALA A 97 2.63 -4.52 -23.70
C ALA A 97 2.56 -3.10 -23.14
N ASP A 98 2.14 -2.16 -23.98
CA ASP A 98 2.00 -0.79 -23.52
C ASP A 98 0.94 -0.71 -22.44
N ALA A 99 -0.02 -1.61 -22.48
CA ALA A 99 -1.22 -1.52 -21.62
C ALA A 99 -0.94 -1.85 -20.14
N ALA A 100 -0.14 -2.88 -19.91
CA ALA A 100 0.45 -3.16 -18.58
C ALA A 100 1.30 -1.98 -18.00
N ARG A 101 2.14 -1.33 -18.81
CA ARG A 101 2.81 -0.13 -18.38
C ARG A 101 1.83 0.99 -18.04
N LEU A 102 0.77 1.13 -18.84
CA LEU A 102 -0.25 2.13 -18.60
C LEU A 102 -0.89 1.85 -17.25
N ALA A 103 -1.25 0.60 -17.03
CA ALA A 103 -1.89 0.18 -15.77
C ALA A 103 -0.98 0.52 -14.57
N VAL A 104 0.31 0.28 -14.67
CA VAL A 104 1.24 0.60 -13.55
C VAL A 104 1.24 2.14 -13.34
N ARG A 105 1.38 2.88 -14.43
CA ARG A 105 1.43 4.34 -14.32
C ARG A 105 0.14 4.87 -13.65
N MET A 106 -1.01 4.30 -14.01
CA MET A 106 -2.28 4.74 -13.48
C MET A 106 -2.42 4.45 -11.98
N GLU A 107 -1.95 3.29 -11.56
CA GLU A 107 -1.97 2.87 -10.14
C GLU A 107 -1.03 3.70 -9.32
N ASN A 108 0.18 3.93 -9.85
CA ASN A 108 1.15 4.83 -9.24
C ASN A 108 0.63 6.26 -9.10
N ASP A 109 -0.03 6.82 -10.13
CA ASP A 109 -0.65 8.12 -10.01
C ASP A 109 -1.78 8.09 -8.94
N GLY A 110 -2.51 6.98 -8.84
CA GLY A 110 -3.56 6.83 -7.84
C GLY A 110 -2.99 6.76 -6.41
N ALA A 111 -1.88 6.04 -6.22
CA ALA A 111 -1.17 6.07 -4.92
C ALA A 111 -0.80 7.50 -4.52
N THR A 112 -0.21 8.24 -5.45
CA THR A 112 0.15 9.64 -5.22
C THR A 112 -1.02 10.50 -4.79
N ALA A 113 -2.18 10.31 -5.43
CA ALA A 113 -3.38 11.11 -5.12
C ALA A 113 -3.97 10.68 -3.75
N TRP A 114 -4.01 9.39 -3.50
CA TRP A 114 -4.42 8.89 -2.18
C TRP A 114 -3.50 9.23 -1.02
N ARG A 115 -2.19 9.23 -1.23
CA ARG A 115 -1.28 9.71 -0.18
C ARG A 115 -1.60 11.15 0.18
N ALA A 116 -2.00 11.97 -0.81
CA ALA A 116 -2.39 13.37 -0.49
C ALA A 116 -3.65 13.46 0.37
N VAL A 117 -4.64 12.59 0.10
CA VAL A 117 -5.83 12.54 0.97
C VAL A 117 -5.45 12.07 2.41
N VAL A 118 -4.61 11.04 2.53
CA VAL A 118 -4.14 10.62 3.88
C VAL A 118 -3.58 11.83 4.61
N GLU A 119 -2.73 12.57 3.92
CA GLU A 119 -2.03 13.70 4.49
C GLU A 119 -2.97 14.85 4.95
N HIS A 120 -3.99 15.17 4.15
CA HIS A 120 -4.89 16.31 4.42
C HIS A 120 -6.25 15.94 5.00
N ALA A 121 -6.53 14.64 5.17
CA ALA A 121 -7.85 14.24 5.69
C ALA A 121 -7.91 14.51 7.17
N GLU A 122 -8.93 15.25 7.59
CA GLU A 122 -9.10 15.64 9.02
C GLU A 122 -9.59 14.52 9.92
N THR A 123 -10.48 13.68 9.40
CA THR A 123 -10.95 12.57 10.24
C THR A 123 -10.21 11.22 10.06
N ALA A 124 -10.11 10.49 11.17
CA ALA A 124 -9.61 9.14 11.17
C ALA A 124 -10.35 8.28 10.16
N ASP A 125 -11.67 8.45 10.02
CA ASP A 125 -12.43 7.59 9.11
C ASP A 125 -11.98 7.80 7.66
N ASP A 126 -11.82 9.07 7.28
CA ASP A 126 -11.39 9.42 5.92
C ASP A 126 -9.93 9.06 5.67
N ARG A 127 -9.06 9.23 6.66
CA ARG A 127 -7.68 8.78 6.51
C ARG A 127 -7.56 7.27 6.38
N VAL A 128 -8.35 6.50 7.14
CA VAL A 128 -8.34 5.06 6.97
C VAL A 128 -8.80 4.67 5.56
N PHE A 129 -9.82 5.33 5.02
CA PHE A 129 -10.35 5.02 3.68
C PHE A 129 -9.28 5.33 2.61
N ALA A 130 -8.60 6.47 2.79
CA ALA A 130 -7.61 6.92 1.85
C ALA A 130 -6.40 5.97 1.89
N SER A 131 -6.00 5.54 3.10
CA SER A 131 -4.90 4.62 3.21
C SER A 131 -5.21 3.25 2.63
N THR A 132 -6.42 2.76 2.79
CA THR A 132 -6.88 1.55 2.10
C THR A 132 -6.81 1.68 0.54
N ALA A 133 -7.32 2.81 0.02
CA ALA A 133 -7.22 3.14 -1.39
C ALA A 133 -5.76 3.25 -1.85
N LEU A 134 -4.90 3.84 -1.01
CA LEU A 134 -3.50 3.98 -1.34
C LEU A 134 -2.83 2.57 -1.43
N THR A 135 -3.09 1.75 -0.42
CA THR A 135 -2.54 0.39 -0.36
C THR A 135 -3.02 -0.48 -1.52
N GLU A 136 -4.31 -0.39 -1.86
CA GLU A 136 -4.86 -1.13 -3.00
C GLU A 136 -4.22 -0.75 -4.35
N SER A 137 -3.99 0.56 -4.55
CA SER A 137 -3.34 1.14 -5.73
C SER A 137 -1.92 0.59 -5.83
N ALA A 138 -1.19 0.61 -4.73
CA ALA A 138 0.15 -0.01 -4.62
C ALA A 138 0.20 -1.52 -4.88
N VAL A 139 -0.73 -2.28 -4.31
CA VAL A 139 -0.81 -3.71 -4.57
C VAL A 139 -1.17 -3.91 -6.06
N MET A 140 -2.10 -3.12 -6.59
CA MET A 140 -2.42 -3.22 -8.04
C MET A 140 -1.22 -3.00 -8.96
N ALA A 141 -0.44 -1.93 -8.70
CA ALA A 141 0.81 -1.64 -9.42
C ALA A 141 1.80 -2.81 -9.34
N THR A 142 1.97 -3.42 -8.17
CA THR A 142 2.93 -4.50 -8.09
C THR A 142 2.43 -5.70 -8.93
N ARG A 143 1.13 -5.95 -8.91
CA ARG A 143 0.55 -7.02 -9.75
C ARG A 143 0.77 -6.81 -11.28
N TRP A 144 0.65 -5.58 -11.75
CA TRP A 144 0.92 -5.28 -13.17
C TRP A 144 2.41 -5.30 -13.51
N ASN A 145 3.27 -4.94 -12.55
CA ASN A 145 4.70 -5.04 -12.69
C ASN A 145 5.16 -6.49 -12.77
N ARG A 146 4.48 -7.36 -12.04
CA ARG A 146 4.70 -8.78 -12.10
C ARG A 146 4.28 -9.32 -13.48
N VAL A 147 3.17 -8.81 -14.03
CA VAL A 147 2.83 -9.11 -15.42
C VAL A 147 3.95 -8.67 -16.41
N LEU A 148 4.38 -7.41 -16.36
CA LEU A 148 5.48 -6.94 -17.24
C LEU A 148 6.73 -7.81 -17.14
N GLY A 149 7.17 -8.09 -15.89
CA GLY A 149 8.37 -8.89 -15.61
C GLY A 149 8.35 -10.32 -16.15
N ALA A 150 7.16 -10.88 -16.33
CA ALA A 150 6.94 -12.16 -16.99
C ALA A 150 6.84 -12.07 -18.53
N TRP A 151 6.80 -10.86 -19.09
CA TRP A 151 6.85 -10.75 -20.51
C TRP A 151 8.25 -10.40 -20.99
N PRO A 152 8.56 -10.66 -22.27
CA PRO A 152 9.93 -10.30 -22.72
C PRO A 152 10.23 -8.77 -22.59
N ILE A 153 11.39 -8.43 -22.05
CA ILE A 153 11.80 -7.02 -22.00
C ILE A 153 12.45 -6.75 -23.33
N THR A 154 11.98 -5.74 -24.04
CA THR A 154 12.72 -5.42 -25.29
C THR A 154 13.10 -3.93 -25.40
N ALA A 155 13.85 -3.44 -24.40
CA ALA A 155 14.49 -2.10 -24.46
C ALA A 155 15.19 -1.81 -25.79
N ALA A 156 14.95 -0.62 -26.36
CA ALA A 156 15.73 -0.17 -27.54
C ALA A 156 17.21 -0.04 -27.17
N PHE A 157 18.12 -0.41 -28.07
CA PHE A 157 19.53 -0.07 -27.90
C PHE A 157 19.64 1.45 -27.78
N PRO A 158 20.41 1.92 -26.77
CA PRO A 158 20.49 3.32 -26.37
C PRO A 158 21.23 4.27 -27.35
N SER B 17 -8.95 13.28 20.07
CA SER B 17 -7.74 12.51 20.31
C SER B 17 -6.72 13.07 21.25
N GLU B 18 -5.66 12.27 21.36
CA GLU B 18 -4.76 12.25 22.47
C GLU B 18 -3.41 11.85 21.94
N GLY B 19 -2.42 12.49 22.56
CA GLY B 19 -1.03 12.19 22.33
C GLY B 19 -0.71 10.85 22.93
N SER B 20 -1.49 10.47 23.94
CA SER B 20 -1.36 9.20 24.60
C SER B 20 -1.82 8.05 23.69
N ALA B 21 -2.90 8.26 22.92
CA ALA B 21 -3.33 7.27 21.93
C ALA B 21 -2.33 7.14 20.78
N ASP B 22 -1.68 8.26 20.43
CA ASP B 22 -0.71 8.34 19.33
C ASP B 22 0.53 7.55 19.71
N ASN B 23 1.08 7.83 20.89
CA ASN B 23 2.25 7.14 21.42
C ASN B 23 2.08 5.65 21.57
N ALA B 24 0.98 5.22 22.20
CA ALA B 24 0.64 3.81 22.34
C ALA B 24 0.56 3.07 21.02
N ALA B 25 -0.09 3.65 20.01
CA ALA B 25 -0.20 2.96 18.72
C ALA B 25 1.18 2.82 18.09
N LEU B 26 2.03 3.87 18.15
CA LEU B 26 3.34 3.86 17.53
C LEU B 26 4.30 2.86 18.27
N CYS B 27 4.24 2.82 19.61
CA CYS B 27 4.99 1.85 20.42
C CYS B 27 4.55 0.41 20.11
N ASP B 28 3.24 0.20 19.94
CA ASP B 28 2.69 -1.10 19.57
C ASP B 28 3.26 -1.53 18.22
N ALA B 29 3.36 -0.58 17.29
CA ALA B 29 3.84 -0.88 15.94
C ALA B 29 5.34 -1.22 15.96
N LEU B 30 6.10 -0.49 16.77
CA LEU B 30 7.51 -0.82 16.98
C LEU B 30 7.68 -2.24 17.61
N ALA B 31 6.87 -2.57 18.61
CA ALA B 31 6.91 -3.93 19.19
C ALA B 31 6.64 -4.99 18.12
N VAL B 32 5.66 -4.74 17.27
CA VAL B 32 5.40 -5.62 16.10
C VAL B 32 6.64 -5.72 15.19
N GLU B 33 7.25 -4.60 14.88
CA GLU B 33 8.43 -4.60 14.03
C GLU B 33 9.56 -5.47 14.62
N HIS B 34 9.85 -5.28 15.92
CA HIS B 34 10.81 -6.14 16.61
C HIS B 34 10.52 -7.62 16.45
N ALA B 35 9.29 -8.04 16.79
CA ALA B 35 8.85 -9.42 16.56
C ALA B 35 9.00 -9.96 15.11
N THR B 36 8.55 -9.19 14.11
CA THR B 36 8.71 -9.50 12.69
C THR B 36 10.15 -9.71 12.23
N ILE B 37 11.06 -8.84 12.63
CA ILE B 37 12.46 -8.99 12.29
C ILE B 37 13.02 -10.30 12.90
N TYR B 38 12.68 -10.59 14.16
CA TYR B 38 13.04 -11.90 14.77
C TYR B 38 12.45 -13.04 13.90
N GLY B 39 11.19 -12.89 13.49
CA GLY B 39 10.46 -13.93 12.73
C GLY B 39 11.10 -14.16 11.37
N TYR B 40 11.63 -13.08 10.76
CA TYR B 40 12.27 -13.21 9.45
C TYR B 40 13.58 -13.98 9.49
N GLY B 41 14.18 -14.10 10.67
CA GLY B 41 15.34 -14.96 10.85
C GLY B 41 14.99 -16.43 10.63
N ILE B 42 13.81 -16.81 11.14
CA ILE B 42 13.28 -18.18 10.93
C ILE B 42 12.78 -18.38 9.50
N VAL B 43 12.12 -17.37 8.94
CA VAL B 43 11.71 -17.37 7.52
C VAL B 43 12.92 -17.58 6.58
N SER B 44 13.98 -16.80 6.82
CA SER B 44 15.23 -16.97 6.08
C SER B 44 15.73 -18.41 6.18
N ALA B 45 15.88 -18.92 7.41
CA ALA B 45 16.48 -20.24 7.67
C ALA B 45 15.72 -21.35 6.92
N LEU B 46 14.39 -21.22 6.83
CA LEU B 46 13.53 -22.26 6.23
C LEU B 46 13.36 -22.17 4.72
N SER B 47 13.54 -20.97 4.19
CA SER B 47 13.23 -20.68 2.79
C SER B 47 14.36 -21.10 1.87
N PRO B 48 13.99 -21.50 0.63
CA PRO B 48 14.94 -21.89 -0.42
C PRO B 48 15.75 -20.65 -0.90
N PRO B 49 16.90 -20.85 -1.59
CA PRO B 49 17.66 -19.79 -2.30
C PRO B 49 16.88 -18.87 -3.26
N GLY B 50 15.90 -19.43 -3.99
CA GLY B 50 15.03 -18.64 -4.89
C GLY B 50 14.23 -17.52 -4.26
N VAL B 51 14.08 -17.52 -2.93
CA VAL B 51 13.45 -16.36 -2.29
C VAL B 51 14.42 -15.52 -1.43
N ASN B 52 15.73 -15.69 -1.64
CA ASN B 52 16.73 -15.02 -0.79
C ASN B 52 16.63 -13.51 -0.84
N PHE B 53 16.39 -13.01 -2.05
CA PHE B 53 16.28 -11.59 -2.33
C PHE B 53 15.00 -11.00 -1.69
N LEU B 54 13.92 -11.80 -1.66
CA LEU B 54 12.68 -11.40 -0.97
C LEU B 54 12.91 -11.25 0.53
N VAL B 55 13.61 -12.20 1.11
CA VAL B 55 13.92 -12.16 2.55
C VAL B 55 14.83 -10.98 2.88
N ALA B 56 15.90 -10.83 2.13
CA ALA B 56 16.78 -9.69 2.29
C ALA B 56 16.05 -8.38 2.14
N ASP B 57 15.14 -8.29 1.16
CA ASP B 57 14.28 -7.11 0.99
C ASP B 57 13.45 -6.81 2.22
N ALA B 58 12.76 -7.84 2.73
CA ALA B 58 11.88 -7.68 3.88
C ALA B 58 12.65 -7.28 5.15
N LEU B 59 13.79 -7.94 5.41
CA LEU B 59 14.62 -7.66 6.56
C LEU B 59 15.17 -6.23 6.58
N LYS B 60 15.65 -5.77 5.43
CA LYS B 60 16.18 -4.41 5.28
C LYS B 60 15.07 -3.34 5.49
N GLN B 61 13.90 -3.60 4.92
CA GLN B 61 12.74 -2.73 5.06
C GLN B 61 12.30 -2.61 6.52
N HIS B 62 12.22 -3.74 7.22
CA HIS B 62 11.80 -3.79 8.62
C HIS B 62 12.87 -3.16 9.54
N ARG B 63 14.13 -3.38 9.23
CA ARG B 63 15.18 -2.87 10.10
C ARG B 63 15.23 -1.35 10.03
N HIS B 64 15.20 -0.83 8.81
CA HIS B 64 15.15 0.61 8.55
C HIS B 64 13.90 1.27 9.18
N ARG B 65 12.73 0.66 9.02
CA ARG B 65 11.51 1.19 9.60
C ARG B 65 11.59 1.23 11.12
N ARG B 66 12.09 0.15 11.73
CA ARG B 66 12.31 0.04 13.18
C ARG B 66 13.18 1.19 13.69
N ASP B 67 14.32 1.37 13.04
CA ASP B 67 15.28 2.42 13.37
C ASP B 67 14.70 3.83 13.31
N ASP B 68 13.95 4.10 12.25
CA ASP B 68 13.22 5.33 12.08
C ASP B 68 12.17 5.57 13.16
N VAL B 69 11.45 4.52 13.55
CA VAL B 69 10.46 4.61 14.62
C VAL B 69 11.14 4.92 15.94
N ILE B 70 12.26 4.27 16.24
CA ILE B 70 13.02 4.59 17.46
C ILE B 70 13.34 6.12 17.51
N VAL B 71 13.76 6.67 16.39
CA VAL B 71 14.01 8.10 16.25
C VAL B 71 12.75 8.95 16.49
N MET B 72 11.61 8.53 15.95
CA MET B 72 10.33 9.28 16.09
C MET B 72 9.90 9.31 17.57
N LEU B 73 9.98 8.16 18.22
CA LEU B 73 9.65 8.06 19.62
C LEU B 73 10.54 8.94 20.52
N SER B 74 11.85 8.98 20.24
CA SER B 74 12.81 9.83 20.98
C SER B 74 12.56 11.31 20.82
N ALA B 75 12.18 11.73 19.61
CA ALA B 75 11.70 13.07 19.35
C ALA B 75 10.46 13.41 20.18
N ARG B 76 9.58 12.42 20.37
CA ARG B 76 8.41 12.54 21.26
C ARG B 76 8.76 12.57 22.77
N GLY B 77 9.98 12.20 23.14
CA GLY B 77 10.39 12.04 24.56
C GLY B 77 9.92 10.74 25.19
N VAL B 78 9.54 9.78 24.35
CA VAL B 78 9.10 8.44 24.77
C VAL B 78 10.26 7.46 24.62
N THR B 79 10.59 6.70 25.67
CA THR B 79 11.61 5.65 25.49
C THR B 79 10.99 4.49 24.69
N ALA B 80 11.58 4.20 23.53
CA ALA B 80 11.09 3.14 22.62
C ALA B 80 11.11 1.75 23.26
N PRO B 81 10.10 0.91 22.95
CA PRO B 81 10.21 -0.54 23.24
C PRO B 81 11.50 -1.14 22.65
N ILE B 82 12.10 -2.05 23.38
CA ILE B 82 13.19 -2.81 22.81
C ILE B 82 12.72 -4.21 22.42
N ALA B 83 13.48 -4.88 21.57
CA ALA B 83 13.20 -6.27 21.22
C ALA B 83 13.42 -7.22 22.39
N ALA B 84 12.61 -8.28 22.44
CA ALA B 84 12.83 -9.39 23.34
C ALA B 84 14.03 -10.14 22.74
N ALA B 85 14.77 -10.88 23.57
CA ALA B 85 15.88 -11.70 23.08
C ALA B 85 15.33 -12.87 22.24
N GLY B 86 14.02 -13.11 22.36
CA GLY B 86 13.36 -14.24 21.75
C GLY B 86 11.86 -14.15 21.90
N TYR B 87 11.17 -14.71 20.89
CA TYR B 87 9.71 -14.69 20.78
C TYR B 87 9.19 -16.12 20.58
N GLN B 88 7.97 -16.31 21.07
CA GLN B 88 7.16 -17.46 20.75
C GLN B 88 6.49 -17.12 19.39
N LEU B 89 6.72 -17.93 18.35
CA LEU B 89 6.12 -17.62 17.03
C LEU B 89 4.62 -17.83 17.07
N PRO B 90 3.85 -17.04 16.28
CA PRO B 90 2.38 -17.13 16.33
C PRO B 90 1.84 -18.41 15.66
N MET B 91 2.73 -19.18 14.99
CA MET B 91 2.42 -20.49 14.45
C MET B 91 3.66 -21.40 14.51
N GLN B 92 3.40 -22.70 14.56
CA GLN B 92 4.43 -23.70 14.42
C GLN B 92 4.88 -23.80 12.97
N VAL B 93 6.16 -24.08 12.76
CA VAL B 93 6.71 -24.15 11.42
C VAL B 93 7.63 -25.38 11.34
N SER B 94 7.67 -26.00 10.17
CA SER B 94 8.59 -27.09 9.92
C SER B 94 9.04 -27.20 8.44
N SER B 95 8.74 -26.17 7.64
CA SER B 95 8.69 -26.25 6.15
C SER B 95 9.07 -24.90 5.56
N ALA B 96 9.60 -24.88 4.34
CA ALA B 96 9.62 -23.66 3.52
C ALA B 96 8.22 -23.09 3.31
N ALA B 97 7.23 -23.99 3.13
CA ALA B 97 5.86 -23.52 2.92
C ALA B 97 5.37 -22.86 4.20
N ASP B 98 5.68 -23.45 5.36
CA ASP B 98 5.30 -22.83 6.61
C ASP B 98 5.93 -21.43 6.76
N ALA B 99 7.14 -21.25 6.27
CA ALA B 99 7.85 -19.96 6.37
C ALA B 99 7.17 -18.85 5.59
N ALA B 100 6.65 -19.19 4.40
CA ALA B 100 5.88 -18.23 3.59
C ALA B 100 4.64 -17.80 4.35
N ARG B 101 3.94 -18.76 4.96
CA ARG B 101 2.69 -18.51 5.69
C ARG B 101 2.97 -17.65 6.90
N LEU B 102 4.11 -17.88 7.55
CA LEU B 102 4.50 -17.09 8.71
C LEU B 102 4.80 -15.66 8.29
N ALA B 103 5.50 -15.50 7.18
CA ALA B 103 5.79 -14.16 6.63
C ALA B 103 4.48 -13.39 6.25
N VAL B 104 3.56 -14.09 5.60
CA VAL B 104 2.24 -13.50 5.30
C VAL B 104 1.56 -13.00 6.59
N ARG B 105 1.54 -13.83 7.61
CA ARG B 105 0.90 -13.50 8.89
C ARG B 105 1.54 -12.30 9.56
N MET B 106 2.88 -12.28 9.64
CA MET B 106 3.60 -11.15 10.21
C MET B 106 3.36 -9.85 9.43
N GLU B 107 3.43 -9.90 8.10
CA GLU B 107 3.14 -8.69 7.29
C GLU B 107 1.72 -8.23 7.52
N ASN B 108 0.74 -9.13 7.53
CA ASN B 108 -0.65 -8.77 7.86
C ASN B 108 -0.81 -8.15 9.26
N ASP B 109 -0.17 -8.71 10.27
CA ASP B 109 -0.14 -8.12 11.61
C ASP B 109 0.52 -6.74 11.65
N GLY B 110 1.61 -6.57 10.89
CA GLY B 110 2.23 -5.26 10.65
C GLY B 110 1.28 -4.24 10.00
N ALA B 111 0.54 -4.63 8.96
CA ALA B 111 -0.51 -3.77 8.39
C ALA B 111 -1.55 -3.32 9.41
N THR B 112 -2.03 -4.25 10.21
CA THR B 112 -3.03 -3.91 11.26
C THR B 112 -2.44 -2.89 12.24
N ALA B 113 -1.20 -3.11 12.62
CA ALA B 113 -0.50 -2.18 13.53
C ALA B 113 -0.28 -0.79 12.90
N TRP B 114 0.13 -0.74 11.65
CA TRP B 114 0.34 0.52 10.95
C TRP B 114 -0.96 1.27 10.65
N ARG B 115 -2.06 0.54 10.46
CA ARG B 115 -3.37 1.19 10.20
C ARG B 115 -3.86 1.96 11.45
N ALA B 116 -3.52 1.43 12.60
CA ALA B 116 -3.88 2.06 13.86
C ALA B 116 -3.05 3.31 14.11
N VAL B 117 -1.82 3.37 13.58
CA VAL B 117 -0.98 4.58 13.65
C VAL B 117 -1.50 5.64 12.69
N VAL B 118 -1.93 5.20 11.47
CA VAL B 118 -2.61 6.15 10.59
C VAL B 118 -3.81 6.78 11.28
N GLU B 119 -4.66 5.98 11.94
CA GLU B 119 -5.83 6.56 12.61
C GLU B 119 -5.48 7.50 13.73
N HIS B 120 -4.52 7.14 14.57
CA HIS B 120 -4.23 7.87 15.81
C HIS B 120 -3.10 8.87 15.75
N ALA B 121 -2.30 8.84 14.69
CA ALA B 121 -1.20 9.81 14.57
C ALA B 121 -1.80 11.18 14.50
N GLU B 122 -1.31 12.11 15.31
CA GLU B 122 -1.82 13.51 15.20
C GLU B 122 -1.28 14.29 14.00
N THR B 123 0.01 14.15 13.69
CA THR B 123 0.61 14.90 12.57
C THR B 123 0.55 14.20 11.21
N ALA B 124 0.45 15.01 10.16
CA ALA B 124 0.47 14.57 8.79
C ALA B 124 1.75 13.82 8.47
N ASP B 125 2.91 14.32 8.92
CA ASP B 125 4.22 13.64 8.69
C ASP B 125 4.20 12.19 9.19
N ASP B 126 3.77 11.99 10.42
CA ASP B 126 3.65 10.67 11.02
C ASP B 126 2.51 9.83 10.42
N ARG B 127 1.43 10.46 10.00
CA ARG B 127 0.39 9.69 9.33
C ARG B 127 0.87 9.18 7.97
N VAL B 128 1.64 10.00 7.27
CA VAL B 128 2.14 9.61 5.97
C VAL B 128 3.20 8.52 6.13
N PHE B 129 4.03 8.62 7.17
CA PHE B 129 4.98 7.57 7.49
C PHE B 129 4.28 6.26 7.73
N ALA B 130 3.25 6.30 8.57
CA ALA B 130 2.50 5.09 8.88
C ALA B 130 1.81 4.49 7.64
N SER B 131 1.24 5.33 6.78
CA SER B 131 0.67 4.89 5.48
C SER B 131 1.66 4.19 4.59
N THR B 132 2.88 4.72 4.50
CA THR B 132 3.97 4.05 3.79
C THR B 132 4.27 2.66 4.35
N ALA B 133 4.40 2.57 5.67
CA ALA B 133 4.66 1.31 6.35
C ALA B 133 3.50 0.31 6.19
N LEU B 134 2.26 0.81 6.21
CA LEU B 134 1.09 -0.05 6.02
C LEU B 134 1.10 -0.58 4.60
N THR B 135 1.35 0.30 3.65
CA THR B 135 1.39 -0.09 2.26
C THR B 135 2.58 -1.11 1.96
N GLU B 136 3.79 -0.85 2.43
CA GLU B 136 4.89 -1.83 2.31
C GLU B 136 4.54 -3.18 2.94
N SER B 137 3.82 -3.17 4.07
CA SER B 137 3.43 -4.43 4.75
C SER B 137 2.50 -5.24 3.88
N ALA B 138 1.48 -4.57 3.33
CA ALA B 138 0.51 -5.17 2.44
C ALA B 138 1.15 -5.71 1.18
N VAL B 139 2.06 -4.94 0.56
CA VAL B 139 2.75 -5.38 -0.63
C VAL B 139 3.61 -6.59 -0.27
N MET B 140 4.27 -6.56 0.88
CA MET B 140 5.12 -7.66 1.27
C MET B 140 4.27 -8.96 1.48
N ALA B 141 3.13 -8.85 2.16
CA ALA B 141 2.22 -9.99 2.29
C ALA B 141 1.81 -10.59 0.95
N THR B 142 1.49 -9.75 -0.03
CA THR B 142 1.14 -10.27 -1.34
C THR B 142 2.30 -11.03 -2.00
N ARG B 143 3.52 -10.51 -1.89
CA ARG B 143 4.69 -11.14 -2.47
C ARG B 143 4.96 -12.51 -1.86
N TRP B 144 4.75 -12.66 -0.56
CA TRP B 144 4.96 -13.95 0.09
C TRP B 144 3.77 -14.85 -0.14
N ASN B 145 2.62 -14.24 -0.41
CA ASN B 145 1.45 -15.03 -0.75
C ASN B 145 1.54 -15.68 -2.14
N ARG B 146 2.31 -15.06 -3.03
CA ARG B 146 2.66 -15.66 -4.30
C ARG B 146 3.75 -16.76 -4.18
N VAL B 147 4.51 -16.75 -3.08
CA VAL B 147 5.44 -17.86 -2.73
C VAL B 147 4.67 -19.16 -2.37
N LEU B 148 3.68 -19.05 -1.49
CA LEU B 148 2.77 -20.20 -1.29
C LEU B 148 1.57 -20.25 -2.25
#